data_3IKR
#
_entry.id   3IKR
#
_cell.length_a   55.520
_cell.length_b   108.450
_cell.length_c   55.820
_cell.angle_alpha   90.000
_cell.angle_beta   91.250
_cell.angle_gamma   90.000
#
_symmetry.space_group_name_H-M   'P 1 21 1'
#
loop_
_entity.id
_entity.type
_entity.pdbx_description
1 polymer 'Pulmonary surfactant-associated protein D'
2 non-polymer 'CALCIUM ION'
3 non-polymer alpha-D-mannopyranose
4 water water
#
_entity_poly.entity_id   1
_entity_poly.type   'polypeptide(L)'
_entity_poly.pdbx_seq_one_letter_code
;GSPGLKGDKGIPGDKGAKGESGLPDVASLRQQVEALQGQVQHLQAAFSQYKKVELFPNGQSVGEKIFKTAGFVKPFTEAQ
LLCTQAGGQLASPRSAAENAALQQLVVAKNEAAFLSMTDSKTEGKFTYPTGESLVYSNWAPGEPNDDGGSEDCVEIFTNG
KWNDRACGEKRLVVCEF
;
_entity_poly.pdbx_strand_id   A,B,C
#
loop_
_chem_comp.id
_chem_comp.type
_chem_comp.name
_chem_comp.formula
CA non-polymer 'CALCIUM ION' 'Ca 2'
MAN D-saccharide, alpha linking alpha-D-mannopyranose 'C6 H12 O6'
#
# COMPACT_ATOMS: atom_id res chain seq x y z
N VAL A 26 14.15 19.04 36.96
CA VAL A 26 13.62 20.39 36.65
C VAL A 26 14.23 20.92 35.35
N ALA A 27 15.46 21.41 35.46
CA ALA A 27 16.18 21.93 34.30
C ALA A 27 16.47 20.79 33.33
N SER A 28 16.88 19.64 33.89
CA SER A 28 17.19 18.47 33.10
C SER A 28 15.90 17.91 32.50
N LEU A 29 14.85 17.87 33.32
CA LEU A 29 13.56 17.35 32.89
C LEU A 29 12.98 18.20 31.76
N ARG A 30 12.99 19.52 31.94
CA ARG A 30 12.46 20.44 30.93
C ARG A 30 13.09 20.19 29.56
N GLN A 31 14.41 20.26 29.50
CA GLN A 31 15.12 20.04 28.25
C GLN A 31 14.87 18.64 27.72
N GLN A 32 14.56 17.72 28.63
CA GLN A 32 14.29 16.34 28.26
C GLN A 32 12.93 16.31 27.58
N VAL A 33 12.04 17.19 28.02
CA VAL A 33 10.70 17.29 27.45
C VAL A 33 10.78 17.98 26.09
N GLU A 34 11.58 19.03 26.02
CA GLU A 34 11.76 19.78 24.77
C GLU A 34 12.36 18.85 23.73
N ALA A 35 13.27 17.98 24.16
CA ALA A 35 13.93 17.04 23.27
C ALA A 35 12.99 15.96 22.78
N LEU A 36 12.19 15.41 23.69
CA LEU A 36 11.25 14.35 23.33
C LEU A 36 10.16 14.88 22.41
N GLN A 37 9.74 16.12 22.62
CA GLN A 37 8.70 16.70 21.78
C GLN A 37 9.21 16.94 20.37
N GLY A 38 10.50 17.26 20.26
CA GLY A 38 11.08 17.47 18.94
C GLY A 38 11.00 16.16 18.19
N GLN A 39 11.32 15.07 18.89
CA GLN A 39 11.26 13.73 18.31
C GLN A 39 9.84 13.39 17.89
N VAL A 40 8.88 13.71 18.77
CA VAL A 40 7.48 13.43 18.49
C VAL A 40 6.96 14.24 17.32
N GLN A 41 7.36 15.50 17.22
CA GLN A 41 6.86 16.31 16.13
C GLN A 41 7.51 15.90 14.80
N HIS A 42 8.74 15.39 14.85
CA HIS A 42 9.38 14.91 13.64
C HIS A 42 8.64 13.63 13.23
N LEU A 43 8.23 12.85 14.23
CA LEU A 43 7.50 11.61 13.97
C LEU A 43 6.13 11.94 13.39
N GLN A 44 5.50 12.99 13.89
CA GLN A 44 4.20 13.42 13.37
C GLN A 44 4.33 13.79 11.90
N ALA A 45 5.43 14.44 11.55
CA ALA A 45 5.67 14.85 10.17
C ALA A 45 5.91 13.65 9.28
N ALA A 46 6.74 12.72 9.73
CA ALA A 46 7.05 11.53 8.94
C ALA A 46 5.79 10.68 8.76
N PHE A 47 5.03 10.52 9.83
CA PHE A 47 3.80 9.74 9.77
C PHE A 47 2.81 10.35 8.79
N SER A 48 2.63 11.67 8.87
CA SER A 48 1.70 12.36 7.98
C SER A 48 2.08 12.11 6.52
N GLN A 49 3.37 12.15 6.22
CA GLN A 49 3.84 11.92 4.85
C GLN A 49 3.51 10.50 4.44
N TYR A 50 3.85 9.53 5.29
CA TYR A 50 3.58 8.13 4.96
C TYR A 50 2.10 7.81 4.86
N LYS A 51 1.25 8.54 5.58
CA LYS A 51 -0.18 8.27 5.49
C LYS A 51 -0.67 8.63 4.08
N LYS A 52 -0.22 9.77 3.58
CA LYS A 52 -0.62 10.21 2.23
C LYS A 52 -0.13 9.19 1.22
N VAL A 53 1.10 8.74 1.39
CA VAL A 53 1.68 7.75 0.49
C VAL A 53 0.86 6.46 0.51
N GLU A 54 0.51 6.01 1.71
CA GLU A 54 -0.29 4.79 1.85
C GLU A 54 -1.62 4.85 1.11
N LEU A 55 -2.34 5.97 1.25
CA LEU A 55 -3.64 6.10 0.62
C LEU A 55 -3.63 6.15 -0.91
N PHE A 56 -2.48 6.45 -1.50
CA PHE A 56 -2.39 6.52 -2.95
C PHE A 56 -2.03 5.15 -3.50
N PRO A 57 -2.84 4.61 -4.43
CA PRO A 57 -4.06 5.17 -5.02
C PRO A 57 -5.32 4.40 -4.63
N ASN A 58 -5.20 3.49 -3.67
CA ASN A 58 -6.35 2.65 -3.30
C ASN A 58 -7.11 3.00 -2.04
N GLY A 59 -6.81 4.14 -1.44
CA GLY A 59 -7.50 4.54 -0.23
C GLY A 59 -8.04 5.95 -0.25
N GLN A 60 -8.97 6.23 0.67
CA GLN A 60 -9.57 7.55 0.81
C GLN A 60 -9.87 7.79 2.28
N SER A 61 -9.40 8.92 2.79
CA SER A 61 -9.65 9.26 4.18
C SER A 61 -10.77 10.29 4.23
N VAL A 62 -11.67 10.13 5.20
CA VAL A 62 -12.78 11.07 5.38
C VAL A 62 -13.08 11.07 6.88
N GLY A 63 -12.87 12.22 7.51
CA GLY A 63 -13.08 12.30 8.93
C GLY A 63 -12.02 11.41 9.56
N GLU A 64 -12.42 10.58 10.51
CA GLU A 64 -11.49 9.66 11.16
C GLU A 64 -11.56 8.27 10.53
N LYS A 65 -12.32 8.17 9.44
CA LYS A 65 -12.51 6.90 8.74
C LYS A 65 -11.63 6.77 7.49
N ILE A 66 -11.20 5.54 7.19
CA ILE A 66 -10.40 5.28 6.01
C ILE A 66 -11.01 4.15 5.19
N PHE A 67 -11.28 4.42 3.92
CA PHE A 67 -11.80 3.39 3.02
C PHE A 67 -10.62 2.90 2.20
N LYS A 68 -10.54 1.60 1.99
CA LYS A 68 -9.46 1.07 1.16
C LYS A 68 -9.96 -0.13 0.39
N THR A 69 -9.68 -0.14 -0.91
CA THR A 69 -10.12 -1.23 -1.75
C THR A 69 -9.01 -2.26 -1.96
N ALA A 70 -9.41 -3.53 -2.07
CA ALA A 70 -8.48 -4.62 -2.29
C ALA A 70 -8.13 -4.70 -3.77
N GLY A 71 -8.92 -4.00 -4.59
CA GLY A 71 -8.66 -3.97 -6.02
C GLY A 71 -9.27 -5.11 -6.83
N PHE A 72 -9.95 -6.03 -6.17
CA PHE A 72 -10.59 -7.16 -6.86
C PHE A 72 -12.03 -7.34 -6.38
N VAL A 73 -12.78 -8.18 -7.09
CA VAL A 73 -14.17 -8.43 -6.72
C VAL A 73 -14.34 -9.78 -6.04
N LYS A 74 -15.36 -9.88 -5.19
CA LYS A 74 -15.68 -11.09 -4.45
C LYS A 74 -17.16 -11.08 -4.08
N PRO A 75 -17.72 -12.27 -3.77
CA PRO A 75 -19.14 -12.32 -3.37
C PRO A 75 -19.19 -11.69 -1.98
N PHE A 76 -20.37 -11.27 -1.55
CA PHE A 76 -20.51 -10.62 -0.24
C PHE A 76 -19.86 -11.34 0.95
N THR A 77 -20.22 -12.59 1.17
CA THR A 77 -19.67 -13.32 2.31
C THR A 77 -18.15 -13.33 2.34
N GLU A 78 -17.53 -13.57 1.18
N GLU A 78 -17.53 -13.57 1.18
CA GLU A 78 -16.08 -13.59 1.11
CA GLU A 78 -16.08 -13.59 1.09
C GLU A 78 -15.49 -12.19 1.32
C GLU A 78 -15.50 -12.19 1.33
N ALA A 79 -16.15 -11.17 0.78
CA ALA A 79 -15.69 -9.79 0.93
C ALA A 79 -15.78 -9.41 2.40
N GLN A 80 -16.90 -9.75 3.03
CA GLN A 80 -17.12 -9.45 4.44
C GLN A 80 -16.05 -10.09 5.32
N LEU A 81 -15.70 -11.33 5.02
CA LEU A 81 -14.68 -12.04 5.79
C LEU A 81 -13.31 -11.38 5.63
N LEU A 82 -12.98 -10.95 4.42
CA LEU A 82 -11.69 -10.28 4.18
C LEU A 82 -11.56 -9.04 5.04
N CYS A 83 -12.61 -8.21 5.09
CA CYS A 83 -12.55 -7.00 5.89
C CYS A 83 -12.48 -7.26 7.38
N THR A 84 -13.28 -8.21 7.86
CA THR A 84 -13.28 -8.53 9.28
C THR A 84 -11.95 -9.12 9.73
N GLN A 85 -11.37 -9.99 8.90
CA GLN A 85 -10.09 -10.59 9.24
C GLN A 85 -8.99 -9.54 9.26
N ALA A 86 -9.16 -8.49 8.45
CA ALA A 86 -8.18 -7.41 8.39
C ALA A 86 -8.35 -6.41 9.52
N GLY A 87 -9.34 -6.62 10.38
CA GLY A 87 -9.54 -5.72 11.51
C GLY A 87 -10.48 -4.56 11.22
N GLY A 88 -11.24 -4.66 10.13
CA GLY A 88 -12.18 -3.61 9.78
C GLY A 88 -13.53 -4.22 9.44
N GLN A 89 -14.24 -3.60 8.52
CA GLN A 89 -15.53 -4.11 8.07
C GLN A 89 -15.80 -3.53 6.69
N LEU A 90 -16.79 -4.08 6.00
CA LEU A 90 -17.12 -3.58 4.67
C LEU A 90 -17.53 -2.12 4.73
N ALA A 91 -17.28 -1.39 3.65
CA ALA A 91 -17.61 0.02 3.55
C ALA A 91 -19.03 0.30 4.06
N SER A 92 -19.11 1.23 5.01
CA SER A 92 -20.39 1.61 5.62
C SER A 92 -20.54 3.12 5.65
N PRO A 93 -20.82 3.73 4.49
CA PRO A 93 -20.97 5.18 4.44
C PRO A 93 -22.15 5.65 5.29
N ARG A 94 -21.87 6.53 6.25
CA ARG A 94 -22.91 7.01 7.15
C ARG A 94 -23.29 8.48 6.91
N SER A 95 -22.79 9.06 5.82
CA SER A 95 -23.10 10.45 5.48
C SER A 95 -22.81 10.72 4.02
N ALA A 96 -23.25 11.88 3.53
CA ALA A 96 -23.03 12.23 2.14
C ALA A 96 -21.53 12.34 1.87
N ALA A 97 -20.80 12.87 2.84
CA ALA A 97 -19.35 13.03 2.73
C ALA A 97 -18.66 11.67 2.64
N GLU A 98 -19.06 10.73 3.49
CA GLU A 98 -18.43 9.41 3.43
C GLU A 98 -18.79 8.71 2.12
N ASN A 99 -20.04 8.87 1.68
CA ASN A 99 -20.45 8.23 0.44
C ASN A 99 -19.63 8.77 -0.73
N ALA A 100 -19.39 10.07 -0.73
CA ALA A 100 -18.61 10.72 -1.77
C ALA A 100 -17.18 10.18 -1.83
N ALA A 101 -16.58 9.99 -0.66
CA ALA A 101 -15.21 9.48 -0.57
C ALA A 101 -15.17 8.06 -1.13
N LEU A 102 -16.13 7.23 -0.73
CA LEU A 102 -16.20 5.86 -1.21
C LEU A 102 -16.41 5.84 -2.71
N GLN A 103 -17.23 6.76 -3.20
CA GLN A 103 -17.52 6.86 -4.63
C GLN A 103 -16.25 7.08 -5.44
N GLN A 104 -15.28 7.78 -4.87
CA GLN A 104 -14.02 8.04 -5.56
C GLN A 104 -13.29 6.75 -5.91
N LEU A 105 -13.27 5.80 -4.97
CA LEU A 105 -12.59 4.53 -5.22
C LEU A 105 -13.35 3.70 -6.25
N VAL A 106 -14.67 3.72 -6.16
CA VAL A 106 -15.51 2.98 -7.09
C VAL A 106 -15.27 3.51 -8.51
N VAL A 107 -15.20 4.84 -8.63
CA VAL A 107 -14.96 5.47 -9.92
C VAL A 107 -13.55 5.16 -10.42
N ALA A 108 -12.58 5.18 -9.52
CA ALA A 108 -11.20 4.91 -9.87
C ALA A 108 -11.00 3.49 -10.42
N LYS A 109 -11.65 2.52 -9.79
CA LYS A 109 -11.55 1.13 -10.21
C LYS A 109 -12.61 0.80 -11.26
N ASN A 110 -13.57 1.70 -11.43
CA ASN A 110 -14.66 1.53 -12.38
C ASN A 110 -15.37 0.20 -12.11
N GLU A 111 -15.62 -0.08 -10.84
CA GLU A 111 -16.28 -1.32 -10.42
C GLU A 111 -17.19 -1.04 -9.23
N ALA A 112 -18.48 -1.34 -9.37
CA ALA A 112 -19.42 -1.14 -8.27
C ALA A 112 -18.95 -1.98 -7.08
N ALA A 113 -19.16 -1.47 -5.88
CA ALA A 113 -18.71 -2.17 -4.68
C ALA A 113 -19.82 -2.52 -3.71
N PHE A 114 -19.58 -3.53 -2.88
CA PHE A 114 -20.54 -3.94 -1.87
C PHE A 114 -20.41 -3.03 -0.64
N LEU A 115 -21.53 -2.78 0.02
CA LEU A 115 -21.53 -2.03 1.27
C LEU A 115 -21.69 -3.12 2.33
N SER A 116 -21.63 -2.75 3.60
CA SER A 116 -21.73 -3.74 4.67
C SER A 116 -23.13 -4.13 5.05
N MET A 117 -24.08 -3.26 4.73
CA MET A 117 -25.47 -3.45 5.12
C MET A 117 -26.31 -4.49 4.36
N THR A 118 -27.21 -5.15 5.09
CA THR A 118 -28.09 -6.16 4.51
C THR A 118 -29.45 -6.15 5.19
N ASP A 119 -30.43 -6.77 4.55
CA ASP A 119 -31.76 -6.89 5.14
C ASP A 119 -32.13 -8.37 5.23
N SER A 120 -31.12 -9.20 5.49
CA SER A 120 -31.28 -10.64 5.60
C SER A 120 -32.14 -11.06 6.80
N LYS A 121 -32.01 -10.34 7.91
CA LYS A 121 -32.77 -10.67 9.11
C LYS A 121 -34.25 -10.33 8.98
N THR A 122 -34.53 -9.13 8.48
CA THR A 122 -35.89 -8.66 8.29
C THR A 122 -35.97 -8.00 6.92
N GLU A 123 -36.60 -8.67 5.97
CA GLU A 123 -36.73 -8.15 4.61
C GLU A 123 -37.26 -6.73 4.59
N GLY A 124 -36.56 -5.86 3.86
CA GLY A 124 -36.97 -4.47 3.75
C GLY A 124 -36.27 -3.57 4.75
N LYS A 125 -35.70 -4.16 5.79
CA LYS A 125 -35.01 -3.39 6.83
C LYS A 125 -33.51 -3.59 6.78
N PHE A 126 -32.80 -2.65 6.14
CA PHE A 126 -31.36 -2.76 6.04
C PHE A 126 -30.66 -2.29 7.31
N THR A 127 -29.66 -3.05 7.73
CA THR A 127 -28.92 -2.75 8.94
C THR A 127 -27.42 -2.95 8.76
N TYR A 128 -26.65 -2.33 9.65
CA TYR A 128 -25.21 -2.45 9.66
C TYR A 128 -24.94 -3.79 10.35
N PRO A 129 -23.70 -4.30 10.28
CA PRO A 129 -23.35 -5.57 10.90
C PRO A 129 -23.77 -5.67 12.37
N THR A 130 -23.79 -4.52 13.05
CA THR A 130 -24.17 -4.47 14.47
C THR A 130 -25.66 -4.68 14.71
N GLY A 131 -26.47 -4.53 13.67
CA GLY A 131 -27.91 -4.69 13.81
C GLY A 131 -28.62 -3.35 13.82
N GLU A 132 -27.84 -2.28 13.87
CA GLU A 132 -28.36 -0.92 13.88
C GLU A 132 -28.98 -0.56 12.53
N SER A 133 -30.09 0.17 12.56
CA SER A 133 -30.77 0.60 11.34
C SER A 133 -29.99 1.73 10.67
N LEU A 134 -30.12 1.86 9.37
CA LEU A 134 -29.41 2.89 8.61
C LEU A 134 -29.64 4.30 9.13
N VAL A 135 -28.59 5.11 9.11
CA VAL A 135 -28.67 6.51 9.56
C VAL A 135 -28.46 7.41 8.34
N TYR A 136 -28.22 6.77 7.20
CA TYR A 136 -27.99 7.46 5.93
C TYR A 136 -28.24 6.47 4.80
N SER A 137 -28.79 6.95 3.70
CA SER A 137 -29.02 6.10 2.54
C SER A 137 -28.97 6.95 1.28
N ASN A 138 -28.62 6.32 0.16
CA ASN A 138 -28.53 7.03 -1.11
C ASN A 138 -29.02 6.12 -2.23
N TRP A 139 -30.20 5.54 -2.02
CA TRP A 139 -30.82 4.63 -2.98
C TRP A 139 -31.10 5.26 -4.33
N ALA A 140 -30.82 4.52 -5.39
CA ALA A 140 -31.09 4.99 -6.74
C ALA A 140 -32.62 4.98 -6.86
N PRO A 141 -33.19 5.79 -7.76
CA PRO A 141 -34.64 5.81 -7.92
C PRO A 141 -35.20 4.40 -8.14
N GLY A 142 -36.23 4.05 -7.37
CA GLY A 142 -36.85 2.74 -7.50
C GLY A 142 -36.27 1.66 -6.61
N GLU A 143 -35.18 1.98 -5.91
CA GLU A 143 -34.52 1.04 -5.02
C GLU A 143 -34.77 1.40 -3.55
N PRO A 144 -34.69 0.41 -2.64
CA PRO A 144 -34.37 -1.00 -2.91
C PRO A 144 -35.65 -1.74 -3.31
N ASN A 145 -35.57 -2.57 -4.35
CA ASN A 145 -36.76 -3.28 -4.83
C ASN A 145 -36.84 -4.78 -4.59
N ASP A 146 -35.80 -5.34 -3.97
CA ASP A 146 -35.75 -6.78 -3.70
C ASP A 146 -36.13 -7.56 -4.96
N ASP A 147 -35.47 -7.21 -6.06
CA ASP A 147 -35.78 -7.86 -7.33
C ASP A 147 -35.66 -9.38 -7.26
N GLY A 148 -36.60 -10.07 -7.88
CA GLY A 148 -36.59 -11.51 -7.87
C GLY A 148 -36.90 -12.08 -6.49
N GLY A 149 -37.14 -11.18 -5.54
CA GLY A 149 -37.44 -11.61 -4.17
C GLY A 149 -36.20 -12.14 -3.47
N SER A 150 -35.02 -11.72 -3.92
CA SER A 150 -33.78 -12.18 -3.31
C SER A 150 -32.59 -11.22 -3.45
N GLU A 151 -32.77 -9.98 -3.01
CA GLU A 151 -31.68 -9.01 -3.05
C GLU A 151 -31.53 -8.46 -1.63
N ASP A 152 -30.61 -9.04 -0.87
CA ASP A 152 -30.42 -8.62 0.51
C ASP A 152 -29.10 -7.92 0.80
N CYS A 153 -28.32 -7.67 -0.24
CA CYS A 153 -27.05 -6.95 -0.10
C CYS A 153 -27.16 -5.62 -0.83
N VAL A 154 -26.17 -4.75 -0.64
CA VAL A 154 -26.20 -3.43 -1.27
C VAL A 154 -24.92 -3.10 -2.04
N GLU A 155 -25.08 -2.55 -3.23
CA GLU A 155 -23.94 -2.16 -4.06
C GLU A 155 -24.00 -0.65 -4.30
N ILE A 156 -22.83 -0.04 -4.46
CA ILE A 156 -22.76 1.38 -4.74
C ILE A 156 -22.15 1.53 -6.14
N PHE A 157 -22.84 2.28 -7.00
CA PHE A 157 -22.41 2.49 -8.38
C PHE A 157 -21.38 3.60 -8.51
N THR A 158 -20.86 3.77 -9.73
CA THR A 158 -19.88 4.81 -9.98
C THR A 158 -20.49 6.19 -9.80
N ASN A 159 -21.82 6.29 -9.83
CA ASN A 159 -22.48 7.58 -9.65
C ASN A 159 -22.82 7.81 -8.18
N GLY A 160 -22.35 6.90 -7.32
CA GLY A 160 -22.59 7.02 -5.90
C GLY A 160 -23.91 6.49 -5.38
N LYS A 161 -24.85 6.24 -6.27
CA LYS A 161 -26.17 5.74 -5.85
C LYS A 161 -26.14 4.27 -5.45
N TRP A 162 -27.08 3.88 -4.59
CA TRP A 162 -27.15 2.50 -4.11
C TRP A 162 -28.24 1.66 -4.76
N ASN A 163 -28.03 0.35 -4.78
CA ASN A 163 -28.98 -0.60 -5.33
C ASN A 163 -28.87 -1.91 -4.57
N ASP A 164 -30.00 -2.48 -4.17
CA ASP A 164 -29.93 -3.76 -3.48
C ASP A 164 -29.68 -4.82 -4.57
N ARG A 165 -28.79 -5.76 -4.26
CA ARG A 165 -28.40 -6.79 -5.21
C ARG A 165 -28.17 -8.11 -4.49
N ALA A 166 -28.29 -9.22 -5.22
CA ALA A 166 -28.09 -10.53 -4.65
C ALA A 166 -26.69 -10.64 -4.06
N CYS A 167 -26.60 -11.17 -2.85
CA CYS A 167 -25.32 -11.30 -2.16
C CYS A 167 -24.34 -12.23 -2.84
N GLY A 168 -24.83 -13.10 -3.72
CA GLY A 168 -23.95 -14.03 -4.42
C GLY A 168 -23.17 -13.41 -5.56
N GLU A 169 -23.56 -12.21 -5.98
CA GLU A 169 -22.86 -11.53 -7.08
C GLU A 169 -21.49 -11.08 -6.59
N LYS A 170 -20.57 -10.85 -7.52
CA LYS A 170 -19.22 -10.41 -7.17
C LYS A 170 -19.10 -8.91 -7.39
N ARG A 171 -18.63 -8.20 -6.36
CA ARG A 171 -18.46 -6.76 -6.44
C ARG A 171 -17.13 -6.33 -5.84
N LEU A 172 -16.71 -5.12 -6.14
CA LEU A 172 -15.44 -4.61 -5.64
C LEU A 172 -15.40 -4.68 -4.12
N VAL A 173 -14.28 -5.14 -3.57
CA VAL A 173 -14.12 -5.25 -2.13
C VAL A 173 -13.51 -3.96 -1.59
N VAL A 174 -14.26 -3.26 -0.75
CA VAL A 174 -13.79 -2.04 -0.12
C VAL A 174 -14.09 -2.13 1.36
N CYS A 175 -13.05 -2.01 2.18
CA CYS A 175 -13.20 -2.08 3.63
C CYS A 175 -13.03 -0.71 4.24
N GLU A 176 -13.51 -0.55 5.47
CA GLU A 176 -13.32 0.71 6.18
C GLU A 176 -12.60 0.38 7.48
N PHE A 177 -11.69 1.27 7.87
CA PHE A 177 -10.89 1.12 9.07
C PHE A 177 -10.95 2.42 9.87
N ALA B 27 8.37 15.06 40.65
CA ALA B 27 8.65 13.61 40.63
C ALA B 27 7.62 12.87 39.78
N SER B 28 6.36 13.23 39.95
CA SER B 28 5.28 12.60 39.20
C SER B 28 5.49 12.88 37.71
N LEU B 29 5.96 14.09 37.40
CA LEU B 29 6.22 14.48 36.02
C LEU B 29 7.41 13.68 35.50
N ARG B 30 8.38 13.43 36.38
CA ARG B 30 9.57 12.67 36.02
C ARG B 30 9.14 11.29 35.52
N GLN B 31 8.23 10.68 36.26
CA GLN B 31 7.71 9.36 35.92
C GLN B 31 7.04 9.40 34.54
N GLN B 32 6.22 10.42 34.33
CA GLN B 32 5.49 10.58 33.08
C GLN B 32 6.44 10.74 31.89
N VAL B 33 7.53 11.46 32.08
CA VAL B 33 8.50 11.67 31.01
C VAL B 33 9.17 10.36 30.61
N GLU B 34 9.55 9.57 31.62
CA GLU B 34 10.21 8.29 31.37
C GLU B 34 9.26 7.34 30.67
N ALA B 35 7.97 7.45 30.99
CA ALA B 35 6.95 6.61 30.38
C ALA B 35 6.81 7.00 28.91
N LEU B 36 6.81 8.31 28.65
CA LEU B 36 6.69 8.80 27.29
C LEU B 36 7.87 8.37 26.42
N GLN B 37 9.07 8.39 27.01
CA GLN B 37 10.26 7.99 26.26
C GLN B 37 10.13 6.56 25.77
N GLY B 38 9.57 5.68 26.60
CA GLY B 38 9.40 4.30 26.22
C GLY B 38 8.35 4.14 25.12
N GLN B 39 7.29 4.93 25.20
CA GLN B 39 6.23 4.86 24.20
C GLN B 39 6.73 5.41 22.87
N VAL B 40 7.56 6.45 22.93
CA VAL B 40 8.11 7.04 21.72
C VAL B 40 9.09 6.07 21.07
N GLN B 41 9.93 5.42 21.86
CA GLN B 41 10.88 4.46 21.31
C GLN B 41 10.12 3.36 20.58
N HIS B 42 9.01 2.91 21.15
CA HIS B 42 8.22 1.85 20.52
C HIS B 42 7.66 2.33 19.18
N LEU B 43 7.10 3.53 19.16
CA LEU B 43 6.53 4.08 17.93
C LEU B 43 7.60 4.24 16.86
N GLN B 44 8.78 4.73 17.24
CA GLN B 44 9.85 4.91 16.28
C GLN B 44 10.27 3.59 15.65
N ALA B 45 10.40 2.55 16.46
CA ALA B 45 10.80 1.24 15.96
C ALA B 45 9.74 0.65 15.06
N ALA B 46 8.48 0.71 15.50
CA ALA B 46 7.39 0.16 14.71
C ALA B 46 7.24 0.92 13.40
N PHE B 47 7.37 2.24 13.47
CA PHE B 47 7.24 3.06 12.27
C PHE B 47 8.35 2.76 11.27
N SER B 48 9.58 2.60 11.77
CA SER B 48 10.70 2.31 10.91
C SER B 48 10.42 1.07 10.06
N GLN B 49 9.84 0.05 10.69
CA GLN B 49 9.53 -1.18 9.99
C GLN B 49 8.44 -0.96 8.96
N TYR B 50 7.37 -0.25 9.35
CA TYR B 50 6.29 -0.03 8.41
C TYR B 50 6.66 0.84 7.20
N LYS B 51 7.68 1.67 7.35
CA LYS B 51 8.10 2.51 6.22
C LYS B 51 8.62 1.60 5.10
N LYS B 52 9.42 0.61 5.48
CA LYS B 52 9.98 -0.34 4.51
C LYS B 52 8.86 -1.13 3.87
N VAL B 53 7.92 -1.58 4.69
CA VAL B 53 6.79 -2.35 4.19
C VAL B 53 5.98 -1.54 3.18
N GLU B 54 5.69 -0.28 3.53
CA GLU B 54 4.92 0.59 2.63
C GLU B 54 5.53 0.77 1.25
N LEU B 55 6.83 1.05 1.21
CA LEU B 55 7.52 1.28 -0.06
C LEU B 55 7.61 0.07 -0.97
N PHE B 56 7.44 -1.13 -0.43
CA PHE B 56 7.49 -2.34 -1.23
C PHE B 56 6.10 -2.63 -1.80
N PRO B 57 5.99 -2.79 -3.13
CA PRO B 57 7.01 -2.73 -4.18
C PRO B 57 6.86 -1.52 -5.10
N ASN B 58 5.96 -0.60 -4.76
CA ASN B 58 5.70 0.54 -5.63
C ASN B 58 6.25 1.91 -5.25
N GLY B 59 7.10 1.96 -4.23
CA GLY B 59 7.64 3.24 -3.82
C GLY B 59 9.15 3.32 -3.76
N GLN B 60 9.66 4.54 -3.73
CA GLN B 60 11.09 4.80 -3.65
C GLN B 60 11.32 6.02 -2.79
N SER B 61 12.16 5.88 -1.78
CA SER B 61 12.50 6.98 -0.89
C SER B 61 13.87 7.53 -1.25
N VAL B 62 13.95 8.83 -1.45
CA VAL B 62 15.22 9.48 -1.77
C VAL B 62 15.27 10.80 -1.02
N GLY B 63 16.18 10.91 -0.06
CA GLY B 63 16.24 12.13 0.73
C GLY B 63 14.95 12.21 1.51
N GLU B 64 14.29 13.36 1.47
CA GLU B 64 13.03 13.56 2.19
C GLU B 64 11.83 13.35 1.28
N LYS B 65 12.09 13.00 0.02
CA LYS B 65 11.04 12.78 -0.97
C LYS B 65 10.69 11.31 -1.19
N ILE B 66 9.43 11.04 -1.47
CA ILE B 66 8.98 9.68 -1.75
C ILE B 66 8.23 9.65 -3.07
N PHE B 67 8.67 8.78 -3.98
CA PHE B 67 8.02 8.61 -5.27
C PHE B 67 7.18 7.34 -5.12
N LYS B 68 5.96 7.35 -5.65
CA LYS B 68 5.13 6.16 -5.59
C LYS B 68 4.31 6.04 -6.87
N THR B 69 4.32 4.86 -7.47
CA THR B 69 3.56 4.66 -8.69
C THR B 69 2.20 4.01 -8.41
N ALA B 70 1.22 4.37 -9.22
CA ALA B 70 -0.12 3.82 -9.12
C ALA B 70 -0.15 2.47 -9.82
N GLY B 71 0.87 2.21 -10.64
CA GLY B 71 0.95 0.94 -11.34
C GLY B 71 0.24 0.89 -12.68
N PHE B 72 -0.42 1.98 -13.08
CA PHE B 72 -1.12 2.02 -14.35
C PHE B 72 -0.79 3.28 -15.14
N VAL B 73 -1.24 3.33 -16.39
CA VAL B 73 -0.97 4.49 -17.24
C VAL B 73 -2.20 5.37 -17.43
N LYS B 74 -1.95 6.67 -17.62
CA LYS B 74 -3.01 7.66 -17.83
C LYS B 74 -2.46 8.83 -18.62
N PRO B 75 -3.35 9.61 -19.27
CA PRO B 75 -2.86 10.77 -20.03
C PRO B 75 -2.41 11.78 -18.98
N PHE B 76 -1.63 12.77 -19.38
CA PHE B 76 -1.12 13.77 -18.45
C PHE B 76 -2.13 14.42 -17.49
N THR B 77 -3.19 15.01 -18.05
CA THR B 77 -4.17 15.68 -17.21
C THR B 77 -4.76 14.77 -16.14
N GLU B 78 -5.13 13.55 -16.52
CA GLU B 78 -5.69 12.60 -15.57
C GLU B 78 -4.65 12.24 -14.51
N ALA B 79 -3.42 12.00 -14.94
CA ALA B 79 -2.33 11.66 -14.02
C ALA B 79 -2.08 12.77 -13.02
N GLN B 80 -2.01 13.99 -13.52
CA GLN B 80 -1.77 15.17 -12.70
C GLN B 80 -2.85 15.30 -11.63
N LEU B 81 -4.10 15.11 -12.01
CA LEU B 81 -5.21 15.23 -11.07
C LEU B 81 -5.13 14.17 -9.98
N LEU B 82 -4.78 12.93 -10.34
CA LEU B 82 -4.67 11.86 -9.36
C LEU B 82 -3.68 12.26 -8.27
N CYS B 83 -2.50 12.72 -8.67
CA CYS B 83 -1.47 13.11 -7.71
C CYS B 83 -1.88 14.28 -6.83
N THR B 84 -2.42 15.33 -7.45
CA THR B 84 -2.81 16.52 -6.70
C THR B 84 -3.92 16.22 -5.68
N GLN B 85 -4.90 15.42 -6.08
CA GLN B 85 -5.99 15.09 -5.16
C GLN B 85 -5.50 14.19 -4.03
N ALA B 86 -4.42 13.46 -4.28
CA ALA B 86 -3.84 12.58 -3.27
C ALA B 86 -2.94 13.36 -2.31
N GLY B 87 -2.80 14.66 -2.54
CA GLY B 87 -1.97 15.47 -1.67
C GLY B 87 -0.52 15.59 -2.09
N GLY B 88 -0.23 15.19 -3.33
CA GLY B 88 1.13 15.27 -3.84
C GLY B 88 1.14 15.94 -5.19
N GLN B 89 2.05 15.52 -6.07
CA GLN B 89 2.14 16.05 -7.42
C GLN B 89 2.90 15.06 -8.28
N LEU B 90 2.83 15.22 -9.58
CA LEU B 90 3.53 14.30 -10.47
C LEU B 90 5.02 14.33 -10.18
N ALA B 91 5.68 13.21 -10.42
CA ALA B 91 7.12 13.09 -10.18
C ALA B 91 7.88 14.30 -10.74
N SER B 92 8.70 14.91 -9.90
CA SER B 92 9.47 16.10 -10.28
C SER B 92 10.91 15.97 -9.80
N PRO B 93 11.72 15.12 -10.45
CA PRO B 93 13.12 14.95 -10.05
C PRO B 93 13.90 16.26 -10.14
N ARG B 94 14.50 16.66 -9.02
CA ARG B 94 15.26 17.91 -8.97
C ARG B 94 16.77 17.70 -8.83
N SER B 95 17.21 16.45 -8.97
CA SER B 95 18.62 16.12 -8.86
C SER B 95 18.86 14.78 -9.51
N ALA B 96 20.12 14.44 -9.80
CA ALA B 96 20.45 13.17 -10.41
C ALA B 96 20.01 12.02 -9.51
N ALA B 97 20.15 12.22 -8.19
CA ALA B 97 19.77 11.21 -7.23
C ALA B 97 18.28 10.92 -7.28
N GLU B 98 17.47 11.97 -7.33
CA GLU B 98 16.02 11.78 -7.40
C GLU B 98 15.65 11.16 -8.73
N ASN B 99 16.34 11.57 -9.80
CA ASN B 99 16.03 11.02 -11.12
C ASN B 99 16.33 9.53 -11.16
N ALA B 100 17.44 9.13 -10.53
CA ALA B 100 17.82 7.72 -10.51
C ALA B 100 16.82 6.89 -9.70
N ALA B 101 16.30 7.47 -8.62
CA ALA B 101 15.33 6.76 -7.79
C ALA B 101 14.05 6.56 -8.59
N LEU B 102 13.62 7.61 -9.28
CA LEU B 102 12.41 7.55 -10.09
C LEU B 102 12.60 6.50 -11.20
N GLN B 103 13.80 6.48 -11.75
CA GLN B 103 14.13 5.54 -12.81
C GLN B 103 13.93 4.09 -12.35
N GLN B 104 14.21 3.81 -11.09
CA GLN B 104 14.03 2.46 -10.57
C GLN B 104 12.59 1.97 -10.68
N LEU B 105 11.63 2.86 -10.41
CA LEU B 105 10.23 2.48 -10.52
C LEU B 105 9.85 2.26 -11.97
N VAL B 106 10.34 3.14 -12.85
CA VAL B 106 10.07 3.03 -14.28
C VAL B 106 10.59 1.71 -14.81
N VAL B 107 11.78 1.33 -14.37
CA VAL B 107 12.40 0.08 -14.79
C VAL B 107 11.60 -1.11 -14.25
N ALA B 108 11.23 -1.03 -12.97
CA ALA B 108 10.47 -2.11 -12.32
C ALA B 108 9.14 -2.38 -13.03
N LYS B 109 8.46 -1.33 -13.47
CA LYS B 109 7.18 -1.50 -14.14
C LYS B 109 7.35 -1.59 -15.66
N ASN B 110 8.56 -1.31 -16.12
CA ASN B 110 8.87 -1.34 -17.55
C ASN B 110 7.88 -0.49 -18.33
N GLU B 111 7.67 0.73 -17.83
CA GLU B 111 6.74 1.67 -18.44
C GLU B 111 7.22 3.10 -18.21
N ALA B 112 7.46 3.83 -19.30
CA ALA B 112 7.89 5.21 -19.22
C ALA B 112 6.83 5.99 -18.44
N ALA B 113 7.26 6.98 -17.66
CA ALA B 113 6.35 7.76 -16.85
C ALA B 113 6.36 9.25 -17.18
N PHE B 114 5.27 9.94 -16.82
CA PHE B 114 5.18 11.37 -17.02
C PHE B 114 5.83 12.08 -15.84
N LEU B 115 6.43 13.23 -16.13
CA LEU B 115 7.00 14.05 -15.08
C LEU B 115 5.97 15.18 -14.93
N SER B 116 6.14 16.04 -13.95
CA SER B 116 5.18 17.11 -13.71
C SER B 116 5.33 18.33 -14.61
N MET B 117 6.53 18.50 -15.15
CA MET B 117 6.87 19.69 -15.94
C MET B 117 6.35 19.79 -17.38
N THR B 118 5.98 21.00 -17.78
CA THR B 118 5.48 21.24 -19.13
C THR B 118 5.90 22.61 -19.63
N ASP B 119 5.79 22.82 -20.94
CA ASP B 119 6.10 24.12 -21.52
C ASP B 119 4.82 24.59 -22.21
N SER B 120 3.70 24.28 -21.57
CA SER B 120 2.37 24.65 -22.08
C SER B 120 2.15 26.16 -22.06
N LYS B 121 2.71 26.84 -21.06
CA LYS B 121 2.56 28.29 -20.95
C LYS B 121 3.36 28.99 -22.04
N THR B 122 4.67 28.72 -22.06
CA THR B 122 5.55 29.32 -23.06
C THR B 122 6.39 28.23 -23.72
N GLU B 123 6.09 27.97 -24.99
CA GLU B 123 6.79 26.95 -25.75
C GLU B 123 8.31 27.08 -25.63
N GLY B 124 8.97 25.99 -25.27
CA GLY B 124 10.41 26.00 -25.14
C GLY B 124 10.90 26.23 -23.72
N LYS B 125 10.00 26.66 -22.84
CA LYS B 125 10.36 26.92 -21.45
C LYS B 125 9.61 25.99 -20.51
N PHE B 126 10.27 24.91 -20.09
CA PHE B 126 9.64 23.96 -19.19
C PHE B 126 9.67 24.43 -17.75
N THR B 127 8.55 24.26 -17.05
CA THR B 127 8.45 24.69 -15.67
C THR B 127 7.73 23.67 -14.82
N TYR B 128 7.86 23.81 -13.50
CA TYR B 128 7.19 22.93 -12.55
C TYR B 128 5.76 23.48 -12.43
N PRO B 129 4.86 22.71 -11.81
CA PRO B 129 3.47 23.17 -11.64
C PRO B 129 3.36 24.54 -10.97
N THR B 130 4.43 24.97 -10.32
CA THR B 130 4.45 26.27 -9.64
C THR B 130 4.84 27.42 -10.56
N GLY B 131 5.46 27.10 -11.69
CA GLY B 131 5.88 28.13 -12.63
C GLY B 131 7.38 28.33 -12.59
N GLU B 132 8.03 27.72 -11.61
CA GLU B 132 9.48 27.80 -11.44
C GLU B 132 10.19 27.07 -12.58
N SER B 133 11.30 27.62 -13.05
CA SER B 133 12.08 27.00 -14.12
C SER B 133 12.81 25.78 -13.56
N LEU B 134 13.15 24.84 -14.44
CA LEU B 134 13.82 23.61 -14.01
C LEU B 134 15.18 23.86 -13.35
N VAL B 135 15.47 23.10 -12.29
CA VAL B 135 16.74 23.20 -11.58
C VAL B 135 17.60 21.99 -11.93
N TYR B 136 17.00 21.07 -12.69
CA TYR B 136 17.68 19.86 -13.12
C TYR B 136 16.94 19.30 -14.34
N SER B 137 17.68 18.65 -15.23
CA SER B 137 17.08 18.01 -16.41
C SER B 137 18.00 16.89 -16.87
N ASN B 138 17.45 15.90 -17.56
CA ASN B 138 18.25 14.81 -18.07
C ASN B 138 17.74 14.44 -19.46
N TRP B 139 17.66 15.45 -20.32
CA TRP B 139 17.18 15.27 -21.68
C TRP B 139 18.04 14.32 -22.52
N ALA B 140 17.37 13.49 -23.31
CA ALA B 140 18.08 12.61 -24.23
C ALA B 140 18.62 13.58 -25.27
N PRO B 141 19.69 13.19 -25.98
CA PRO B 141 20.27 14.09 -27.00
C PRO B 141 19.23 14.60 -27.99
N GLY B 142 19.25 15.91 -28.26
CA GLY B 142 18.32 16.49 -29.21
C GLY B 142 16.96 16.87 -28.65
N GLU B 143 16.67 16.45 -27.43
CA GLU B 143 15.39 16.77 -26.80
C GLU B 143 15.56 17.96 -25.86
N PRO B 144 14.50 18.74 -25.64
CA PRO B 144 13.15 18.60 -26.22
C PRO B 144 13.12 19.13 -27.66
N ASN B 145 12.33 18.48 -28.51
CA ASN B 145 12.25 18.89 -29.91
C ASN B 145 10.86 19.31 -30.37
N ASP B 146 9.89 19.32 -29.46
CA ASP B 146 8.51 19.70 -29.78
C ASP B 146 8.09 19.06 -31.11
N ASP B 147 8.27 17.75 -31.20
CA ASP B 147 7.93 17.02 -32.42
C ASP B 147 6.49 17.26 -32.89
N GLY B 148 6.33 17.51 -34.17
CA GLY B 148 5.01 17.78 -34.71
C GLY B 148 4.44 19.09 -34.20
N GLY B 149 5.28 19.84 -33.48
CA GLY B 149 4.86 21.11 -32.91
C GLY B 149 3.80 20.91 -31.84
N SER B 150 3.82 19.75 -31.19
CA SER B 150 2.80 19.46 -30.19
C SER B 150 3.23 18.58 -29.02
N GLU B 151 4.42 18.81 -28.49
CA GLU B 151 4.89 18.04 -27.34
C GLU B 151 5.20 19.00 -26.21
N ASP B 152 4.29 19.08 -25.24
CA ASP B 152 4.48 19.99 -24.12
C ASP B 152 4.65 19.29 -22.77
N CYS B 153 4.60 17.96 -22.79
CA CYS B 153 4.77 17.19 -21.56
C CYS B 153 6.11 16.45 -21.62
N VAL B 154 6.51 15.85 -20.49
CA VAL B 154 7.79 15.14 -20.43
C VAL B 154 7.66 13.72 -19.92
N GLU B 155 8.32 12.79 -20.59
CA GLU B 155 8.30 11.39 -20.17
C GLU B 155 9.73 10.99 -19.84
N ILE B 156 9.87 10.05 -18.89
CA ILE B 156 11.19 9.55 -18.52
C ILE B 156 11.23 8.07 -18.92
N PHE B 157 12.28 7.70 -19.65
CA PHE B 157 12.47 6.34 -20.14
C PHE B 157 13.09 5.41 -19.10
N THR B 158 13.14 4.12 -19.42
CA THR B 158 13.74 3.15 -18.53
C THR B 158 15.23 3.40 -18.35
N ASN B 159 15.83 4.18 -19.26
CA ASN B 159 17.25 4.49 -19.15
C ASN B 159 17.46 5.80 -18.39
N GLY B 160 16.37 6.32 -17.83
CA GLY B 160 16.44 7.54 -17.05
C GLY B 160 16.44 8.86 -17.82
N LYS B 161 16.53 8.79 -19.14
CA LYS B 161 16.55 10.00 -19.97
C LYS B 161 15.16 10.57 -20.19
N TRP B 162 15.10 11.86 -20.47
CA TRP B 162 13.83 12.56 -20.68
C TRP B 162 13.58 12.88 -22.14
N ASN B 163 12.31 12.95 -22.49
CA ASN B 163 11.89 13.28 -23.85
C ASN B 163 10.56 14.02 -23.76
N ASP B 164 10.41 15.12 -24.50
CA ASP B 164 9.14 15.79 -24.47
C ASP B 164 8.22 14.97 -25.35
N ARG B 165 6.97 14.84 -24.92
CA ARG B 165 6.00 14.01 -25.62
C ARG B 165 4.62 14.64 -25.49
N ALA B 166 3.72 14.27 -26.40
CA ALA B 166 2.35 14.79 -26.38
C ALA B 166 1.68 14.43 -25.06
N CYS B 167 1.03 15.42 -24.46
CA CYS B 167 0.35 15.23 -23.18
C CYS B 167 -0.82 14.26 -23.27
N GLY B 168 -1.32 14.05 -24.48
CA GLY B 168 -2.44 13.15 -24.67
C GLY B 168 -2.07 11.68 -24.59
N GLU B 169 -0.79 11.37 -24.69
CA GLU B 169 -0.32 9.99 -24.62
C GLU B 169 -0.50 9.46 -23.20
N LYS B 170 -0.59 8.14 -23.07
CA LYS B 170 -0.76 7.53 -21.75
C LYS B 170 0.58 7.02 -21.23
N ARG B 171 0.93 7.45 -20.02
CA ARG B 171 2.20 7.04 -19.41
C ARG B 171 2.02 6.61 -17.95
N LEU B 172 3.01 5.91 -17.42
CA LEU B 172 2.94 5.44 -16.03
C LEU B 172 2.71 6.60 -15.08
N VAL B 173 1.78 6.45 -14.14
CA VAL B 173 1.49 7.51 -13.18
C VAL B 173 2.38 7.33 -11.95
N VAL B 174 3.23 8.32 -11.70
CA VAL B 174 4.12 8.29 -10.54
C VAL B 174 4.03 9.65 -9.86
N CYS B 175 3.65 9.63 -8.58
CA CYS B 175 3.52 10.86 -7.81
C CYS B 175 4.64 10.98 -6.80
N GLU B 176 4.87 12.19 -6.32
CA GLU B 176 5.89 12.40 -5.30
C GLU B 176 5.18 13.02 -4.10
N PHE B 177 5.64 12.63 -2.91
CA PHE B 177 5.07 13.09 -1.65
C PHE B 177 6.21 13.52 -0.72
N VAL C 26 7.96 24.08 35.75
CA VAL C 26 7.10 23.50 36.81
C VAL C 26 5.65 23.46 36.36
N ALA C 27 4.94 24.57 36.59
CA ALA C 27 3.54 24.69 36.18
C ALA C 27 3.48 24.63 34.66
N SER C 28 4.42 25.33 34.02
CA SER C 28 4.49 25.35 32.58
C SER C 28 4.90 23.97 32.06
N LEU C 29 5.96 23.41 32.64
CA LEU C 29 6.47 22.12 32.23
C LEU C 29 5.35 21.10 32.32
N ARG C 30 4.48 21.28 33.31
CA ARG C 30 3.35 20.38 33.54
C ARG C 30 2.35 20.43 32.40
N GLN C 31 2.11 21.63 31.87
CA GLN C 31 1.18 21.83 30.77
C GLN C 31 1.75 21.26 29.46
N GLN C 32 3.06 21.39 29.29
CA GLN C 32 3.71 20.88 28.09
C GLN C 32 3.78 19.36 28.08
N VAL C 33 3.99 18.77 29.26
CA VAL C 33 4.06 17.32 29.37
C VAL C 33 2.69 16.74 29.02
N GLU C 34 1.63 17.43 29.42
CA GLU C 34 0.28 16.98 29.15
C GLU C 34 -0.01 17.08 27.66
N ALA C 35 0.58 18.07 27.01
CA ALA C 35 0.40 18.26 25.57
C ALA C 35 1.15 17.15 24.85
N LEU C 36 2.35 16.86 25.31
CA LEU C 36 3.17 15.80 24.72
C LEU C 36 2.45 14.46 24.87
N GLN C 37 1.90 14.22 26.06
CA GLN C 37 1.17 12.97 26.31
C GLN C 37 0.04 12.84 25.30
N GLY C 38 -0.67 13.94 25.07
CA GLY C 38 -1.77 13.93 24.12
C GLY C 38 -1.29 13.62 22.72
N GLN C 39 -0.12 14.14 22.36
CA GLN C 39 0.44 13.90 21.03
C GLN C 39 0.81 12.44 20.84
N VAL C 40 1.41 11.85 21.86
CA VAL C 40 1.81 10.44 21.79
C VAL C 40 0.58 9.53 21.73
N GLN C 41 -0.44 9.85 22.52
CA GLN C 41 -1.65 9.02 22.51
C GLN C 41 -2.32 9.09 21.14
N HIS C 42 -2.32 10.27 20.54
CA HIS C 42 -2.91 10.43 19.22
C HIS C 42 -2.16 9.56 18.22
N LEU C 43 -0.83 9.60 18.29
CA LEU C 43 0.00 8.81 17.38
C LEU C 43 -0.22 7.31 17.56
N GLN C 44 -0.37 6.85 18.80
CA GLN C 44 -0.59 5.43 19.03
C GLN C 44 -1.88 4.99 18.36
N ALA C 45 -2.91 5.83 18.47
CA ALA C 45 -4.20 5.49 17.86
C ALA C 45 -4.13 5.59 16.33
N ALA C 46 -3.49 6.63 15.82
CA ALA C 46 -3.38 6.81 14.38
C ALA C 46 -2.51 5.74 13.74
N PHE C 47 -1.40 5.42 14.41
CA PHE C 47 -0.50 4.40 13.89
C PHE C 47 -1.17 3.03 13.85
N SER C 48 -1.91 2.68 14.90
CA SER C 48 -2.58 1.39 14.93
C SER C 48 -3.55 1.25 13.75
N GLN C 49 -4.29 2.32 13.47
CA GLN C 49 -5.24 2.30 12.36
C GLN C 49 -4.48 2.14 11.04
N TYR C 50 -3.41 2.91 10.89
CA TYR C 50 -2.59 2.86 9.68
C TYR C 50 -1.99 1.47 9.42
N LYS C 51 -1.59 0.77 10.49
CA LYS C 51 -1.02 -0.56 10.30
C LYS C 51 -2.03 -1.50 9.66
N LYS C 52 -3.27 -1.46 10.14
CA LYS C 52 -4.31 -2.31 9.59
C LYS C 52 -4.54 -2.00 8.12
N VAL C 53 -4.53 -0.71 7.79
CA VAL C 53 -4.75 -0.28 6.43
C VAL C 53 -3.62 -0.78 5.53
N GLU C 54 -2.37 -0.61 5.97
CA GLU C 54 -1.22 -1.05 5.19
C GLU C 54 -1.25 -2.54 4.87
N LEU C 55 -1.53 -3.36 5.88
CA LEU C 55 -1.56 -4.80 5.70
C LEU C 55 -2.66 -5.32 4.79
N PHE C 56 -3.72 -4.53 4.63
CA PHE C 56 -4.83 -4.94 3.77
C PHE C 56 -4.54 -4.53 2.32
N PRO C 57 -4.56 -5.48 1.38
CA PRO C 57 -4.81 -6.91 1.50
C PRO C 57 -3.59 -7.78 1.21
N ASN C 58 -2.42 -7.15 1.11
CA ASN C 58 -1.21 -7.91 0.75
C ASN C 58 -0.22 -8.26 1.85
N GLY C 59 -0.53 -7.93 3.09
CA GLY C 59 0.39 -8.23 4.16
C GLY C 59 -0.18 -9.09 5.27
N GLN C 60 0.72 -9.67 6.06
CA GLN C 60 0.35 -10.50 7.19
C GLN C 60 1.38 -10.28 8.29
N SER C 61 0.90 -9.94 9.48
CA SER C 61 1.77 -9.71 10.62
C SER C 61 1.73 -10.93 11.54
N VAL C 62 2.90 -11.38 11.97
CA VAL C 62 2.99 -12.54 12.86
C VAL C 62 4.18 -12.29 13.78
N GLY C 63 3.91 -12.11 15.06
CA GLY C 63 4.98 -11.82 15.98
C GLY C 63 5.53 -10.46 15.59
N GLU C 64 6.85 -10.35 15.46
CA GLU C 64 7.46 -9.08 15.10
C GLU C 64 7.77 -9.05 13.60
N LYS C 65 7.41 -10.12 12.91
CA LYS C 65 7.65 -10.25 11.48
C LYS C 65 6.46 -9.88 10.62
N ILE C 66 6.72 -9.31 9.45
CA ILE C 66 5.66 -8.95 8.53
C ILE C 66 5.95 -9.51 7.14
N PHE C 67 5.02 -10.28 6.61
CA PHE C 67 5.15 -10.84 5.27
C PHE C 67 4.33 -9.93 4.35
N LYS C 68 4.86 -9.60 3.19
CA LYS C 68 4.11 -8.78 2.24
C LYS C 68 4.40 -9.25 0.83
N THR C 69 3.35 -9.47 0.06
CA THR C 69 3.51 -9.92 -1.32
C THR C 69 3.49 -8.75 -2.30
N ALA C 70 4.24 -8.88 -3.38
CA ALA C 70 4.31 -7.86 -4.41
C ALA C 70 3.11 -8.01 -5.34
N GLY C 71 2.44 -9.16 -5.25
CA GLY C 71 1.28 -9.40 -6.08
C GLY C 71 1.59 -9.95 -7.48
N PHE C 72 2.85 -10.23 -7.75
CA PHE C 72 3.23 -10.76 -9.05
C PHE C 72 4.31 -11.83 -8.92
N VAL C 73 4.56 -12.56 -10.00
CA VAL C 73 5.55 -13.63 -9.99
C VAL C 73 6.88 -13.25 -10.65
N LYS C 74 7.96 -13.85 -10.15
CA LYS C 74 9.30 -13.60 -10.67
C LYS C 74 10.17 -14.82 -10.41
N PRO C 75 11.26 -14.99 -11.18
CA PRO C 75 12.14 -16.14 -10.95
C PRO C 75 12.84 -15.86 -9.63
N PHE C 76 13.41 -16.88 -9.01
CA PHE C 76 14.08 -16.71 -7.73
C PHE C 76 15.06 -15.54 -7.60
N THR C 77 16.05 -15.47 -8.49
CA THR C 77 17.03 -14.40 -8.43
C THR C 77 16.40 -13.02 -8.43
N GLU C 78 15.45 -12.81 -9.33
CA GLU C 78 14.75 -11.52 -9.42
C GLU C 78 13.99 -11.22 -8.15
N ALA C 79 13.23 -12.21 -7.68
CA ALA C 79 12.44 -12.06 -6.46
C ALA C 79 13.35 -11.75 -5.27
N GLN C 80 14.46 -12.48 -5.19
CA GLN C 80 15.41 -12.28 -4.11
C GLN C 80 15.96 -10.85 -4.12
N LEU C 81 16.32 -10.36 -5.29
CA LEU C 81 16.87 -9.01 -5.40
C LEU C 81 15.85 -7.95 -4.99
N LEU C 82 14.60 -8.12 -5.41
CA LEU C 82 13.55 -7.18 -5.05
C LEU C 82 13.42 -7.02 -3.55
N CYS C 83 13.40 -8.15 -2.83
CA CYS C 83 13.27 -8.09 -1.38
C CYS C 83 14.47 -7.44 -0.72
N THR C 84 15.67 -7.81 -1.15
CA THR C 84 16.90 -7.25 -0.58
C THR C 84 16.99 -5.74 -0.79
N GLN C 85 16.67 -5.29 -1.99
CA GLN C 85 16.72 -3.87 -2.30
C GLN C 85 15.67 -3.10 -1.50
N ALA C 86 14.62 -3.81 -1.09
CA ALA C 86 13.55 -3.18 -0.31
C ALA C 86 13.90 -3.14 1.17
N GLY C 87 15.06 -3.68 1.53
CA GLY C 87 15.48 -3.68 2.91
C GLY C 87 15.03 -4.89 3.71
N GLY C 88 14.57 -5.91 3.00
CA GLY C 88 14.13 -7.12 3.66
C GLY C 88 14.74 -8.33 2.99
N GLN C 89 13.99 -9.43 2.93
CA GLN C 89 14.46 -10.65 2.28
C GLN C 89 13.27 -11.53 1.95
N LEU C 90 13.48 -12.54 1.14
CA LEU C 90 12.39 -13.45 0.77
C LEU C 90 11.81 -14.11 2.01
N ALA C 91 10.53 -14.44 1.95
CA ALA C 91 9.82 -15.08 3.04
C ALA C 91 10.62 -16.23 3.62
N SER C 92 10.85 -16.20 4.93
CA SER C 92 11.62 -17.23 5.61
C SER C 92 10.88 -17.71 6.87
N PRO C 93 9.83 -18.51 6.69
CA PRO C 93 9.08 -19.02 7.84
C PRO C 93 9.95 -19.87 8.76
N ARG C 94 10.01 -19.49 10.04
CA ARG C 94 10.82 -20.19 11.02
C ARG C 94 10.02 -20.95 12.08
N SER C 95 8.71 -21.01 11.90
CA SER C 95 7.84 -21.72 12.82
C SER C 95 6.51 -22.02 12.14
N ALA C 96 5.70 -22.86 12.78
CA ALA C 96 4.40 -23.21 12.24
C ALA C 96 3.53 -21.96 12.15
N ALA C 97 3.67 -21.09 13.14
CA ALA C 97 2.89 -19.85 13.18
C ALA C 97 3.23 -18.94 12.01
N GLU C 98 4.52 -18.80 11.73
CA GLU C 98 4.93 -17.95 10.60
C GLU C 98 4.50 -18.59 9.29
N ASN C 99 4.63 -19.90 9.21
CA ASN C 99 4.25 -20.59 7.98
C ASN C 99 2.77 -20.42 7.68
N ALA C 100 1.94 -20.47 8.72
CA ALA C 100 0.50 -20.31 8.55
C ALA C 100 0.16 -18.91 8.07
N ALA C 101 0.88 -17.91 8.57
CA ALA C 101 0.63 -16.52 8.17
C ALA C 101 1.00 -16.37 6.70
N LEU C 102 2.16 -16.88 6.32
CA LEU C 102 2.60 -16.80 4.93
C LEU C 102 1.60 -17.54 4.03
N GLN C 103 1.11 -18.68 4.51
CA GLN C 103 0.16 -19.48 3.76
C GLN C 103 -1.09 -18.67 3.39
N GLN C 104 -1.51 -17.79 4.29
CA GLN C 104 -2.69 -16.96 4.03
C GLN C 104 -2.54 -16.11 2.78
N LEU C 105 -1.34 -15.58 2.55
CA LEU C 105 -1.09 -14.76 1.37
C LEU C 105 -1.09 -15.62 0.10
N VAL C 106 -0.50 -16.80 0.20
CA VAL C 106 -0.44 -17.72 -0.93
C VAL C 106 -1.85 -18.13 -1.34
N VAL C 107 -2.69 -18.40 -0.36
CA VAL C 107 -4.08 -18.79 -0.61
C VAL C 107 -4.85 -17.60 -1.17
N ALA C 108 -4.62 -16.42 -0.60
CA ALA C 108 -5.29 -15.22 -1.04
C ALA C 108 -5.01 -14.91 -2.51
N LYS C 109 -3.77 -15.12 -2.93
CA LYS C 109 -3.37 -14.85 -4.31
C LYS C 109 -3.49 -16.09 -5.19
N ASN C 110 -3.72 -17.23 -4.56
CA ASN C 110 -3.83 -18.51 -5.27
C ASN C 110 -2.61 -18.72 -6.16
N GLU C 111 -1.44 -18.38 -5.62
CA GLU C 111 -0.18 -18.51 -6.34
C GLU C 111 0.91 -18.98 -5.39
N ALA C 112 1.55 -20.11 -5.69
CA ALA C 112 2.62 -20.63 -4.86
C ALA C 112 3.73 -19.57 -4.81
N ALA C 113 4.42 -19.48 -3.69
CA ALA C 113 5.49 -18.49 -3.53
C ALA C 113 6.85 -19.09 -3.23
N PHE C 114 7.90 -18.32 -3.52
CA PHE C 114 9.26 -18.75 -3.25
C PHE C 114 9.59 -18.41 -1.80
N LEU C 115 10.41 -19.25 -1.19
CA LEU C 115 10.91 -18.99 0.16
C LEU C 115 12.35 -18.53 -0.09
N SER C 116 13.03 -18.07 0.94
CA SER C 116 14.41 -17.59 0.78
C SER C 116 15.47 -18.68 0.74
N MET C 117 15.14 -19.84 1.29
CA MET C 117 16.08 -20.94 1.41
C MET C 117 16.43 -21.74 0.16
N THR C 118 17.70 -22.12 0.04
CA THR C 118 18.18 -22.90 -1.11
C THR C 118 19.27 -23.87 -0.68
N ASP C 119 19.56 -24.85 -1.54
CA ASP C 119 20.64 -25.78 -1.25
C ASP C 119 21.64 -25.69 -2.41
N SER C 120 21.80 -24.47 -2.92
CA SER C 120 22.71 -24.21 -4.04
C SER C 120 24.17 -24.42 -3.68
N LYS C 121 24.53 -24.13 -2.43
CA LYS C 121 25.91 -24.29 -1.98
C LYS C 121 26.25 -25.77 -1.80
N THR C 122 25.43 -26.46 -1.02
CA THR C 122 25.63 -27.88 -0.78
C THR C 122 24.33 -28.63 -1.06
N GLU C 123 24.29 -29.32 -2.19
CA GLU C 123 23.11 -30.08 -2.59
C GLU C 123 22.66 -31.00 -1.45
N GLY C 124 21.36 -30.95 -1.16
CA GLY C 124 20.81 -31.77 -0.10
C GLY C 124 20.80 -31.08 1.25
N LYS C 125 21.35 -29.88 1.31
CA LYS C 125 21.39 -29.10 2.55
C LYS C 125 20.84 -27.70 2.34
N PHE C 126 19.59 -27.49 2.75
CA PHE C 126 18.97 -26.19 2.59
C PHE C 126 19.34 -25.23 3.71
N THR C 127 19.59 -23.99 3.34
CA THR C 127 20.00 -22.96 4.28
C THR C 127 19.34 -21.61 4.00
N TYR C 128 19.40 -20.73 4.99
CA TYR C 128 18.85 -19.39 4.86
C TYR C 128 19.89 -18.58 4.09
N PRO C 129 19.55 -17.36 3.66
CA PRO C 129 20.49 -16.53 2.92
C PRO C 129 21.82 -16.32 3.64
N THR C 130 21.80 -16.41 4.97
CA THR C 130 23.02 -16.22 5.76
C THR C 130 23.95 -17.41 5.69
N GLY C 131 23.37 -18.60 5.55
CA GLY C 131 24.17 -19.82 5.48
C GLY C 131 23.81 -20.76 6.61
N GLU C 132 23.02 -20.26 7.55
CA GLU C 132 22.58 -21.03 8.70
C GLU C 132 21.62 -22.15 8.27
N SER C 133 21.69 -23.29 8.94
CA SER C 133 20.81 -24.43 8.62
C SER C 133 19.39 -24.13 9.07
N LEU C 134 18.42 -24.78 8.41
CA LEU C 134 17.01 -24.57 8.73
C LEU C 134 16.68 -24.90 10.18
N VAL C 135 15.86 -24.06 10.80
CA VAL C 135 15.44 -24.26 12.19
C VAL C 135 14.00 -24.78 12.20
N TYR C 136 13.41 -24.86 11.00
CA TYR C 136 12.04 -25.33 10.83
C TYR C 136 11.82 -25.70 9.37
N SER C 137 10.98 -26.70 9.13
CA SER C 137 10.66 -27.11 7.77
C SER C 137 9.25 -27.68 7.72
N ASN C 138 8.64 -27.62 6.53
CA ASN C 138 7.28 -28.13 6.35
C ASN C 138 7.18 -28.78 4.97
N TRP C 139 8.15 -29.63 4.66
CA TRP C 139 8.19 -30.33 3.38
C TRP C 139 7.00 -31.24 3.12
N ALA C 140 6.55 -31.25 1.88
CA ALA C 140 5.46 -32.14 1.48
C ALA C 140 6.10 -33.53 1.47
N PRO C 141 5.29 -34.58 1.55
CA PRO C 141 5.84 -35.94 1.54
C PRO C 141 6.83 -36.21 0.40
N GLY C 142 7.99 -36.76 0.74
CA GLY C 142 8.99 -37.09 -0.26
C GLY C 142 9.92 -35.96 -0.68
N GLU C 143 9.61 -34.74 -0.24
CA GLU C 143 10.43 -33.58 -0.59
C GLU C 143 11.42 -33.30 0.54
N PRO C 144 12.57 -32.68 0.21
CA PRO C 144 13.01 -32.24 -1.12
C PRO C 144 13.57 -33.41 -1.92
N ASN C 145 13.30 -33.45 -3.22
CA ASN C 145 13.77 -34.57 -4.04
C ASN C 145 14.69 -34.21 -5.21
N ASP C 146 15.12 -32.95 -5.29
CA ASP C 146 16.01 -32.49 -6.37
C ASP C 146 15.62 -33.11 -7.71
N ASP C 147 14.34 -32.99 -8.07
CA ASP C 147 13.85 -33.57 -9.32
C ASP C 147 14.65 -33.12 -10.53
N GLY C 148 15.03 -34.08 -11.38
CA GLY C 148 15.80 -33.77 -12.57
C GLY C 148 17.20 -33.29 -12.22
N GLY C 149 17.56 -33.43 -10.95
CA GLY C 149 18.87 -33.00 -10.48
C GLY C 149 19.04 -31.50 -10.60
N SER C 150 17.94 -30.76 -10.56
CA SER C 150 18.02 -29.32 -10.71
C SER C 150 17.01 -28.49 -9.91
N GLU C 151 16.74 -28.89 -8.68
CA GLU C 151 15.80 -28.12 -7.85
C GLU C 151 16.52 -27.66 -6.59
N ASP C 152 16.94 -26.40 -6.57
CA ASP C 152 17.65 -25.86 -5.42
C ASP C 152 16.89 -24.76 -4.68
N CYS C 153 15.70 -24.43 -5.17
CA CYS C 153 14.90 -23.40 -4.51
C CYS C 153 13.67 -24.04 -3.86
N VAL C 154 12.91 -23.27 -3.08
CA VAL C 154 11.75 -23.83 -2.39
C VAL C 154 10.49 -23.01 -2.60
N GLU C 155 9.39 -23.71 -2.88
CA GLU C 155 8.10 -23.04 -3.08
C GLU C 155 7.15 -23.53 -1.99
N ILE C 156 6.20 -22.68 -1.61
CA ILE C 156 5.21 -23.05 -0.61
C ILE C 156 3.85 -23.05 -1.31
N PHE C 157 3.12 -24.15 -1.16
CA PHE C 157 1.81 -24.32 -1.79
C PHE C 157 0.69 -23.67 -0.97
N THR C 158 -0.51 -23.67 -1.55
CA THR C 158 -1.67 -23.11 -0.87
C THR C 158 -2.01 -23.92 0.37
N ASN C 159 -1.54 -25.16 0.43
CA ASN C 159 -1.79 -26.00 1.60
C ASN C 159 -0.70 -25.80 2.66
N GLY C 160 0.22 -24.90 2.38
CA GLY C 160 1.29 -24.59 3.32
C GLY C 160 2.53 -25.46 3.26
N LYS C 161 2.45 -26.58 2.56
CA LYS C 161 3.59 -27.49 2.45
C LYS C 161 4.65 -26.95 1.49
N TRP C 162 5.89 -27.40 1.67
CA TRP C 162 7.01 -26.97 0.84
C TRP C 162 7.44 -28.01 -0.16
N ASN C 163 8.00 -27.54 -1.27
CA ASN C 163 8.52 -28.40 -2.32
C ASN C 163 9.73 -27.73 -2.94
N ASP C 164 10.82 -28.47 -3.15
CA ASP C 164 11.96 -27.85 -3.80
C ASP C 164 11.63 -27.79 -5.29
N ARG C 165 11.94 -26.66 -5.92
CA ARG C 165 11.62 -26.44 -7.33
C ARG C 165 12.75 -25.68 -7.99
N ALA C 166 12.81 -25.75 -9.32
CA ALA C 166 13.85 -25.06 -10.09
C ALA C 166 13.77 -23.55 -9.84
N CYS C 167 14.92 -22.96 -9.54
CA CYS C 167 14.99 -21.53 -9.28
C CYS C 167 14.58 -20.66 -10.46
N GLY C 168 14.62 -21.22 -11.67
CA GLY C 168 14.25 -20.47 -12.85
C GLY C 168 12.75 -20.30 -13.03
N GLU C 169 11.97 -21.09 -12.32
CA GLU C 169 10.51 -21.00 -12.41
C GLU C 169 10.07 -19.67 -11.79
N LYS C 170 8.90 -19.18 -12.22
CA LYS C 170 8.38 -17.93 -11.71
C LYS C 170 7.33 -18.21 -10.64
N ARG C 171 7.51 -17.63 -9.46
CA ARG C 171 6.58 -17.82 -8.35
C ARG C 171 6.25 -16.50 -7.69
N LEU C 172 5.16 -16.49 -6.92
CA LEU C 172 4.72 -15.29 -6.21
C LEU C 172 5.84 -14.73 -5.35
N VAL C 173 6.06 -13.42 -5.45
CA VAL C 173 7.10 -12.76 -4.66
C VAL C 173 6.54 -12.32 -3.32
N VAL C 174 7.12 -12.84 -2.24
CA VAL C 174 6.69 -12.47 -0.89
C VAL C 174 7.93 -12.19 -0.07
N CYS C 175 8.00 -10.98 0.49
CA CYS C 175 9.16 -10.62 1.30
C CYS C 175 8.77 -10.54 2.76
N GLU C 176 9.77 -10.52 3.63
CA GLU C 176 9.52 -10.38 5.05
C GLU C 176 10.31 -9.18 5.54
N PHE C 177 9.70 -8.44 6.47
CA PHE C 177 10.29 -7.25 7.04
C PHE C 177 10.19 -7.30 8.57
CA CA D . -32.41 -3.78 -6.79
CA CA E . -34.08 -7.71 0.41
CA CA F . -34.69 -11.38 1.69
CA CA G . 0.77 0.72 1.82
C1 MAN H . -32.11 -4.04 -12.56
C2 MAN H . -32.97 -3.39 -11.47
C3 MAN H . -32.24 -3.46 -10.11
C4 MAN H . -31.81 -4.90 -9.81
C5 MAN H . -30.99 -5.45 -10.97
C6 MAN H . -30.60 -6.90 -10.77
O1 MAN H . -30.94 -3.32 -12.74
O2 MAN H . -34.22 -4.05 -11.37
O3 MAN H . -33.11 -3.01 -9.09
O4 MAN H . -31.04 -4.93 -8.62
O5 MAN H . -31.76 -5.39 -12.21
O6 MAN H . -29.91 -7.42 -11.91
CA CA I . 10.42 14.80 -28.20
CA CA J . 6.66 22.08 -26.44
CA CA K . 3.41 24.06 -27.15
C1 MAN L . 9.22 10.25 -31.61
C2 MAN L . 8.67 10.89 -30.34
C3 MAN L . 9.37 12.23 -30.12
C4 MAN L . 10.88 12.03 -30.07
C5 MAN L . 11.37 11.30 -31.31
C6 MAN L . 12.83 10.92 -31.17
O1 MAN L . 8.97 11.06 -32.69
O2 MAN L . 8.91 10.05 -29.23
O3 MAN L . 8.94 12.81 -28.90
O4 MAN L . 11.52 13.29 -29.95
O5 MAN L . 10.64 10.06 -31.50
O6 MAN L . 13.09 10.41 -29.87
CA CA M . 10.66 -31.30 -5.59
CA CA N . 18.76 -29.39 -4.75
CA CA O . 21.91 -28.49 -6.79
C1 MAN P . 7.13 -32.31 -10.14
C2 MAN P . 7.84 -31.10 -9.51
C3 MAN P . 8.78 -31.58 -8.41
C4 MAN P . 8.02 -32.42 -7.39
C5 MAN P . 7.31 -33.56 -8.10
C6 MAN P . 6.45 -34.38 -7.15
O1 MAN P . 8.06 -33.15 -10.72
O2 MAN P . 6.86 -30.22 -8.96
O3 MAN P . 9.36 -30.45 -7.75
O4 MAN P . 8.93 -32.93 -6.43
O5 MAN P . 6.42 -33.05 -9.13
O6 MAN P . 5.66 -35.33 -7.86
#